data_5VOS
# 
_entry.id   5VOS 
# 
_audit_conform.dict_name       mmcif_pdbx.dic 
_audit_conform.dict_version    5.387 
_audit_conform.dict_location   http://mmcif.pdb.org/dictionaries/ascii/mmcif_pdbx.dic 
# 
loop_
_database_2.database_id 
_database_2.database_code 
_database_2.pdbx_database_accession 
_database_2.pdbx_DOI 
PDB   5VOS         pdb_00005vos 10.2210/pdb5vos/pdb 
WWPDB D_1000227781 ?            ?                   
EMDB  EMD-8720     ?            ?                   
# 
loop_
_pdbx_audit_revision_history.ordinal 
_pdbx_audit_revision_history.data_content_type 
_pdbx_audit_revision_history.major_revision 
_pdbx_audit_revision_history.minor_revision 
_pdbx_audit_revision_history.revision_date 
1 'Structure model' 1 0 2018-01-03 
2 'Structure model' 1 1 2018-01-10 
3 'Structure model' 1 2 2018-03-07 
4 'Structure model' 1 3 2018-04-25 
5 'Structure model' 1 4 2018-06-06 
6 'Structure model' 1 5 2019-11-20 
7 'Structure model' 1 6 2021-06-30 
8 'Structure model' 1 7 2024-03-13 
# 
_pdbx_audit_revision_details.ordinal             1 
_pdbx_audit_revision_details.revision_ordinal    1 
_pdbx_audit_revision_details.data_content_type   'Structure model' 
_pdbx_audit_revision_details.provider            repository 
_pdbx_audit_revision_details.type                'Initial release' 
_pdbx_audit_revision_details.description         ? 
_pdbx_audit_revision_details.details             ? 
# 
loop_
_pdbx_audit_revision_group.ordinal 
_pdbx_audit_revision_group.revision_ordinal 
_pdbx_audit_revision_group.data_content_type 
_pdbx_audit_revision_group.group 
1 2 'Structure model' 'Database references'        
2 3 'Structure model' 'Database references'        
3 4 'Structure model' 'Data collection'            
4 5 'Structure model' 'Data collection'            
5 5 'Structure model' 'Refinement description'     
6 6 'Structure model' 'Author supporting evidence' 
7 7 'Structure model' 'Data collection'            
8 8 'Structure model' 'Data collection'            
9 8 'Structure model' 'Database references'        
# 
loop_
_pdbx_audit_revision_category.ordinal 
_pdbx_audit_revision_category.revision_ordinal 
_pdbx_audit_revision_category.data_content_type 
_pdbx_audit_revision_category.category 
1  2 'Structure model' citation           
2  2 'Structure model' citation_author    
3  3 'Structure model' citation           
4  4 'Structure model' diffrn_source      
5  5 'Structure model' software           
6  6 'Structure model' pdbx_audit_support 
7  7 'Structure model' diffrn_detector    
8  8 'Structure model' chem_comp_atom     
9  8 'Structure model' chem_comp_bond     
10 8 'Structure model' database_2         
11 8 'Structure model' em_author_list     
# 
loop_
_pdbx_audit_revision_item.ordinal 
_pdbx_audit_revision_item.revision_ordinal 
_pdbx_audit_revision_item.data_content_type 
_pdbx_audit_revision_item.item 
1  2 'Structure model' '_citation.journal_abbrev'                 
2  2 'Structure model' '_citation.pdbx_database_id_PubMed'        
3  2 'Structure model' '_citation.title'                          
4  3 'Structure model' '_citation.journal_volume'                 
5  3 'Structure model' '_citation.page_first'                     
6  3 'Structure model' '_citation.page_last'                      
7  3 'Structure model' '_citation.title'                          
8  3 'Structure model' '_citation.year'                           
9  4 'Structure model' '_diffrn_source.source'                    
10 6 'Structure model' '_pdbx_audit_support.funding_organization' 
11 7 'Structure model' '_diffrn_detector.detector'                
12 8 'Structure model' '_database_2.pdbx_DOI'                     
13 8 'Structure model' '_database_2.pdbx_database_accession'      
# 
_pdbx_database_status.status_code                     REL 
_pdbx_database_status.status_code_sf                  REL 
_pdbx_database_status.status_code_mr                  ? 
_pdbx_database_status.entry_id                        5VOS 
_pdbx_database_status.recvd_initial_deposition_date   2017-05-03 
_pdbx_database_status.SG_entry                        N 
_pdbx_database_status.deposit_site                    RCSB 
_pdbx_database_status.process_site                    RCSB 
_pdbx_database_status.status_code_cs                  ? 
_pdbx_database_status.methods_development_category    ? 
_pdbx_database_status.pdb_format_compatible           Y 
_pdbx_database_status.status_code_nmr_data            ? 
# 
loop_
_pdbx_database_related.db_name 
_pdbx_database_related.details 
_pdbx_database_related.db_id 
_pdbx_database_related.content_type 
PDB  'homologous sequence from hIAPP'                      5KNZ     unspecified            
EMDB 'VGSNKGAIIGL from Amyloid Beta determined by MicroED' EMD-8720 'associated EM volume' 
# 
loop_
_audit_author.name 
_audit_author.pdbx_ordinal 
_audit_author.identifier_ORCID 
'Rodriguez, J.A.' 1 ? 
'Sawaya, M.R.'    2 ? 
'Cascio, D.'      3 ? 
'Eisenberg, D.S.' 4 ? 
'Griner, S.L.'    5 ? 
'Gonen, T.'       6 ? 
# 
_citation.abstract                  ? 
_citation.abstract_id_CAS           ? 
_citation.book_id_ISBN              ? 
_citation.book_publisher            ? 
_citation.book_publisher_city       ? 
_citation.book_title                ? 
_citation.coordinate_linkage        ? 
_citation.country                   US 
_citation.database_id_Medline       ? 
_citation.details                   ? 
_citation.id                        primary 
_citation.journal_abbrev            'J. Biol. Chem.' 
_citation.journal_id_ASTM           JBCHA3 
_citation.journal_id_CSD            0071 
_citation.journal_id_ISSN           1083-351X 
_citation.journal_full              ? 
_citation.journal_issue             ? 
_citation.journal_volume            293 
_citation.language                  ? 
_citation.page_first                2888 
_citation.page_last                 2902 
_citation.title                     
;Common fibrillar spines of amyloid-beta and human islet amyloid polypeptide revealed by microelectron diffraction and structure-based inhibitors.
;
_citation.year                      2018 
_citation.database_id_CSD           ? 
_citation.pdbx_database_id_DOI      10.1074/jbc.M117.806109 
_citation.pdbx_database_id_PubMed   29282295 
_citation.unpublished_flag          ? 
# 
loop_
_citation_author.citation_id 
_citation_author.name 
_citation_author.ordinal 
_citation_author.identifier_ORCID 
primary 'Krotee, P.'      1  ? 
primary 'Griner, S.L.'    2  ? 
primary 'Sawaya, M.R.'    3  ? 
primary 'Cascio, D.'      4  ? 
primary 'Rodriguez, J.A.' 5  ? 
primary 'Shi, D.'         6  ? 
primary 'Philipp, S.'     7  ? 
primary 'Murray, K.'      8  ? 
primary 'Saelices, L.'    9  ? 
primary 'Lee, J.'         10 ? 
primary 'Seidler, P.'     11 ? 
primary 'Glabe, C.G.'     12 ? 
primary 'Jiang, L.'       13 ? 
primary 'Gonen, T.'       14 ? 
primary 'Eisenberg, D.S.' 15 ? 
# 
loop_
_entity.id 
_entity.type 
_entity.src_method 
_entity.pdbx_description 
_entity.formula_weight 
_entity.pdbx_number_of_molecules 
_entity.pdbx_ec 
_entity.pdbx_mutation 
_entity.pdbx_fragment 
_entity.details 
1 polymer syn 'Amyloid beta A4 protein' 1029.213 1 ? ? 'VGSNKGAIIGL peptide (residues 24-34, UNP residues 7-17)' ? 
2 water   nat water                     18.015   1 ? ? ?                                                         ? 
# 
_entity_poly.entity_id                      1 
_entity_poly.type                           'polypeptide(L)' 
_entity_poly.nstd_linkage                   no 
_entity_poly.nstd_monomer                   no 
_entity_poly.pdbx_seq_one_letter_code       VGSNKGAIIGL 
_entity_poly.pdbx_seq_one_letter_code_can   VGSNKGAIIGL 
_entity_poly.pdbx_strand_id                 A 
_entity_poly.pdbx_target_identifier         ? 
# 
_pdbx_entity_nonpoly.entity_id   2 
_pdbx_entity_nonpoly.name        water 
_pdbx_entity_nonpoly.comp_id     HOH 
# 
loop_
_entity_poly_seq.entity_id 
_entity_poly_seq.num 
_entity_poly_seq.mon_id 
_entity_poly_seq.hetero 
1 1  VAL n 
1 2  GLY n 
1 3  SER n 
1 4  ASN n 
1 5  LYS n 
1 6  GLY n 
1 7  ALA n 
1 8  ILE n 
1 9  ILE n 
1 10 GLY n 
1 11 LEU n 
# 
_pdbx_entity_src_syn.entity_id              1 
_pdbx_entity_src_syn.pdbx_src_id            1 
_pdbx_entity_src_syn.pdbx_alt_source_flag   sample 
_pdbx_entity_src_syn.pdbx_beg_seq_num       1 
_pdbx_entity_src_syn.pdbx_end_seq_num       11 
_pdbx_entity_src_syn.organism_scientific    'Homo sapiens' 
_pdbx_entity_src_syn.organism_common_name   Human 
_pdbx_entity_src_syn.ncbi_taxonomy_id       9606 
_pdbx_entity_src_syn.details                ? 
# 
loop_
_chem_comp.id 
_chem_comp.type 
_chem_comp.mon_nstd_flag 
_chem_comp.name 
_chem_comp.pdbx_synonyms 
_chem_comp.formula 
_chem_comp.formula_weight 
ALA 'L-peptide linking' y ALANINE    ? 'C3 H7 N O2'     89.093  
ASN 'L-peptide linking' y ASPARAGINE ? 'C4 H8 N2 O3'    132.118 
GLY 'peptide linking'   y GLYCINE    ? 'C2 H5 N O2'     75.067  
HOH non-polymer         . WATER      ? 'H2 O'           18.015  
ILE 'L-peptide linking' y ISOLEUCINE ? 'C6 H13 N O2'    131.173 
LEU 'L-peptide linking' y LEUCINE    ? 'C6 H13 N O2'    131.173 
LYS 'L-peptide linking' y LYSINE     ? 'C6 H15 N2 O2 1' 147.195 
SER 'L-peptide linking' y SERINE     ? 'C3 H7 N O3'     105.093 
VAL 'L-peptide linking' y VALINE     ? 'C5 H11 N O2'    117.146 
# 
loop_
_pdbx_poly_seq_scheme.asym_id 
_pdbx_poly_seq_scheme.entity_id 
_pdbx_poly_seq_scheme.seq_id 
_pdbx_poly_seq_scheme.mon_id 
_pdbx_poly_seq_scheme.ndb_seq_num 
_pdbx_poly_seq_scheme.pdb_seq_num 
_pdbx_poly_seq_scheme.auth_seq_num 
_pdbx_poly_seq_scheme.pdb_mon_id 
_pdbx_poly_seq_scheme.auth_mon_id 
_pdbx_poly_seq_scheme.pdb_strand_id 
_pdbx_poly_seq_scheme.pdb_ins_code 
_pdbx_poly_seq_scheme.hetero 
A 1 1  VAL 1  24 24 VAL VAL A . n 
A 1 2  GLY 2  25 25 GLY GLY A . n 
A 1 3  SER 3  26 26 SER SER A . n 
A 1 4  ASN 4  27 27 ASN ASN A . n 
A 1 5  LYS 5  28 28 LYS LYS A . n 
A 1 6  GLY 6  29 29 GLY GLY A . n 
A 1 7  ALA 7  30 30 ALA ALA A . n 
A 1 8  ILE 8  31 31 ILE ILE A . n 
A 1 9  ILE 9  32 32 ILE ILE A . n 
A 1 10 GLY 10 33 33 GLY GLY A . n 
A 1 11 LEU 11 34 34 LEU LEU A . n 
# 
_pdbx_nonpoly_scheme.asym_id         B 
_pdbx_nonpoly_scheme.entity_id       2 
_pdbx_nonpoly_scheme.mon_id          HOH 
_pdbx_nonpoly_scheme.ndb_seq_num     1 
_pdbx_nonpoly_scheme.pdb_seq_num     101 
_pdbx_nonpoly_scheme.auth_seq_num    1 
_pdbx_nonpoly_scheme.pdb_mon_id      HOH 
_pdbx_nonpoly_scheme.auth_mon_id     HOH 
_pdbx_nonpoly_scheme.pdb_strand_id   A 
_pdbx_nonpoly_scheme.pdb_ins_code    . 
# 
loop_
_software.citation_id 
_software.classification 
_software.compiler_name 
_software.compiler_version 
_software.contact_author 
_software.contact_author_email 
_software.date 
_software.description 
_software.dependencies 
_software.hardware 
_software.language 
_software.location 
_software.mods 
_software.name 
_software.os 
_software.os_version 
_software.type 
_software.version 
_software.pdbx_ordinal 
? 'data scaling'    ? ? 'Wolfgang Kabsch'    ?                           ?                ? ? ? ?          
http://www.mpimf-heidelberg.mpg.de/~kabsch/xds/html_doc/xscale_program.html ? XSCALE      ? ? package .    1 
? phasing           ? ? 'Randy J. Read'      cimr-phaser@lists.cam.ac.uk ?                ? ? ? ?          
http://www-structmed.cimr.cam.ac.uk/phaser/                                 ? PHASER      ? ? program .    2 
? refinement        ? ? 'Garib N. Murshudov' garib@ysbl.york.ac.uk       ?                ? ? ? Fortran_77 
http://www.ccp4.ac.uk/dist/html/refmac5.html                                ? REFMAC      ? ? program .    3 
? 'data extraction' ? ? PDB                  deposit@deposit.rcsb.org    'July. 13, 2016' ? ? ? C++        
http://sw-tools.pdb.org/apps/PDB_EXTRACT/                                   ? PDB_EXTRACT ? ? package 3.22 4 
? 'data reduction'  ? ? ?                    ?                           ?                ? ? ? ?          ? ? XDS         ? ? ? . 
5 
# 
_cell.angle_alpha                  90.000 
_cell.angle_alpha_esd              ? 
_cell.angle_beta                   100.020 
_cell.angle_beta_esd               ? 
_cell.angle_gamma                  90.000 
_cell.angle_gamma_esd              ? 
_cell.entry_id                     5VOS 
_cell.details                      ? 
_cell.formula_units_Z              ? 
_cell.length_a                     18.780 
_cell.length_a_esd                 ? 
_cell.length_b                     4.730 
_cell.length_b_esd                 ? 
_cell.length_c                     33.470 
_cell.length_c_esd                 ? 
_cell.volume                       ? 
_cell.volume_esd                   ? 
_cell.Z_PDB                        2 
_cell.reciprocal_angle_alpha       ? 
_cell.reciprocal_angle_beta        ? 
_cell.reciprocal_angle_gamma       ? 
_cell.reciprocal_angle_alpha_esd   ? 
_cell.reciprocal_angle_beta_esd    ? 
_cell.reciprocal_angle_gamma_esd   ? 
_cell.reciprocal_length_a          ? 
_cell.reciprocal_length_b          ? 
_cell.reciprocal_length_c          ? 
_cell.reciprocal_length_a_esd      ? 
_cell.reciprocal_length_b_esd      ? 
_cell.reciprocal_length_c_esd      ? 
_cell.pdbx_unique_axis             ? 
# 
_symmetry.entry_id                         5VOS 
_symmetry.cell_setting                     ? 
_symmetry.Int_Tables_number                4 
_symmetry.space_group_name_Hall            ? 
_symmetry.space_group_name_H-M             'P 1 21 1' 
_symmetry.pdbx_full_space_group_name_H-M   ? 
# 
_exptl.absorpt_coefficient_mu     ? 
_exptl.absorpt_correction_T_max   ? 
_exptl.absorpt_correction_T_min   ? 
_exptl.absorpt_correction_type    ? 
_exptl.absorpt_process_details    ? 
_exptl.entry_id                   5VOS 
_exptl.crystals_number            ? 
_exptl.details                    ? 
_exptl.method                     'ELECTRON CRYSTALLOGRAPHY' 
_exptl.method_details             ? 
# 
_exptl_crystal.colour                      ? 
_exptl_crystal.density_diffrn              ? 
_exptl_crystal.density_Matthews            1.42 
_exptl_crystal.density_method              ? 
_exptl_crystal.density_percent_sol         ? 
_exptl_crystal.description                 ? 
_exptl_crystal.F_000                       ? 
_exptl_crystal.id                          1 
_exptl_crystal.preparation                 ? 
_exptl_crystal.size_max                    ? 
_exptl_crystal.size_mid                    ? 
_exptl_crystal.size_min                    ? 
_exptl_crystal.size_rad                    ? 
_exptl_crystal.colour_lustre               ? 
_exptl_crystal.colour_modifier             ? 
_exptl_crystal.colour_primary              ? 
_exptl_crystal.density_meas                ? 
_exptl_crystal.density_meas_esd            ? 
_exptl_crystal.density_meas_gt             ? 
_exptl_crystal.density_meas_lt             ? 
_exptl_crystal.density_meas_temp           ? 
_exptl_crystal.density_meas_temp_esd       ? 
_exptl_crystal.density_meas_temp_gt        ? 
_exptl_crystal.density_meas_temp_lt        ? 
_exptl_crystal.pdbx_crystal_image_url      ? 
_exptl_crystal.pdbx_crystal_image_format   ? 
_exptl_crystal.pdbx_mosaicity              ? 
_exptl_crystal.pdbx_mosaicity_esd          ? 
# 
_exptl_crystal_grow.apparatus       ? 
_exptl_crystal_grow.atmosphere      ? 
_exptl_crystal_grow.crystal_id      1 
_exptl_crystal_grow.details         ? 
_exptl_crystal_grow.method          Batch 
_exptl_crystal_grow.method_ref      ? 
_exptl_crystal_grow.pH              4.0 
_exptl_crystal_grow.pressure        ? 
_exptl_crystal_grow.pressure_esd    ? 
_exptl_crystal_grow.seeding         ? 
_exptl_crystal_grow.seeding_ref     ? 
_exptl_crystal_grow.temp            310 
_exptl_crystal_grow.temp_details    ? 
_exptl_crystal_grow.temp_esd        ? 
_exptl_crystal_grow.time            ? 
_exptl_crystal_grow.pdbx_details    '50 mM sodium citrate, pH 4.0, 10% v/v DMSO' 
_exptl_crystal_grow.pdbx_pH_range   ? 
# 
_diffrn.ambient_environment              ? 
_diffrn.ambient_temp                     100 
_diffrn.ambient_temp_details             ? 
_diffrn.ambient_temp_esd                 ? 
_diffrn.crystal_id                       1 
_diffrn.crystal_support                  ? 
_diffrn.crystal_treatment                ? 
_diffrn.details                          ? 
_diffrn.id                               1 
_diffrn.ambient_pressure                 ? 
_diffrn.ambient_pressure_esd             ? 
_diffrn.ambient_pressure_gt              ? 
_diffrn.ambient_pressure_lt              ? 
_diffrn.ambient_temp_gt                  ? 
_diffrn.ambient_temp_lt                  ? 
_diffrn.pdbx_serial_crystal_experiment   ? 
# 
_diffrn_detector.details                      ? 
_diffrn_detector.detector                     CMOS 
_diffrn_detector.diffrn_id                    1 
_diffrn_detector.type                         'TVIPS F416 CMOS CAMERA' 
_diffrn_detector.area_resol_mean              ? 
_diffrn_detector.dtime                        ? 
_diffrn_detector.pdbx_frames_total            ? 
_diffrn_detector.pdbx_collection_time_total   ? 
_diffrn_detector.pdbx_collection_date         2015-04-17 
# 
_diffrn_radiation_wavelength.id           1 
_diffrn_radiation_wavelength.wavelength   0.0251 
_diffrn_radiation_wavelength.wt           1.0 
# 
_diffrn_source.current                     ? 
_diffrn_source.details                     ? 
_diffrn_source.diffrn_id                   1 
_diffrn_source.power                       ? 
_diffrn_source.size                        ? 
_diffrn_source.source                      'ELECTRON MICROSCOPE' 
_diffrn_source.target                      ? 
_diffrn_source.type                        'TECNAI F20 TEM' 
_diffrn_source.voltage                     ? 
_diffrn_source.take-off_angle              ? 
_diffrn_source.pdbx_wavelength_list        0.0251 
_diffrn_source.pdbx_wavelength             ? 
_diffrn_source.pdbx_synchrotron_beamline   ? 
_diffrn_source.pdbx_synchrotron_site       ? 
# 
_reflns.B_iso_Wilson_estimate            14.635 
_reflns.entry_id                         5VOS 
_reflns.data_reduction_details           ? 
_reflns.data_reduction_method            ? 
_reflns.d_resolution_high                1.420 
_reflns.d_resolution_low                 32.960 
_reflns.details                          ? 
_reflns.limit_h_max                      ? 
_reflns.limit_h_min                      ? 
_reflns.limit_k_max                      ? 
_reflns.limit_k_min                      ? 
_reflns.limit_l_max                      ? 
_reflns.limit_l_min                      ? 
_reflns.number_all                       ? 
_reflns.number_obs                       1129 
_reflns.observed_criterion               ? 
_reflns.observed_criterion_F_max         ? 
_reflns.observed_criterion_F_min         ? 
_reflns.observed_criterion_I_max         ? 
_reflns.observed_criterion_I_min         ? 
_reflns.observed_criterion_sigma_F       ? 
_reflns.observed_criterion_sigma_I       -3.000 
_reflns.percent_possible_obs             85.500 
_reflns.R_free_details                   ? 
_reflns.Rmerge_F_all                     ? 
_reflns.Rmerge_F_obs                     ? 
_reflns.Friedel_coverage                 ? 
_reflns.number_gt                        ? 
_reflns.threshold_expression             ? 
_reflns.pdbx_redundancy                  5.175 
_reflns.pdbx_Rmerge_I_obs                0.222 
_reflns.pdbx_Rmerge_I_all                ? 
_reflns.pdbx_Rsym_value                  ? 
_reflns.pdbx_netI_over_av_sigmaI         ? 
_reflns.pdbx_netI_over_sigmaI            4.880 
_reflns.pdbx_res_netI_over_av_sigmaI_2   ? 
_reflns.pdbx_res_netI_over_sigmaI_2      ? 
_reflns.pdbx_chi_squared                 0.926 
_reflns.pdbx_scaling_rejects             33 
_reflns.pdbx_d_res_high_opt              ? 
_reflns.pdbx_d_res_low_opt               ? 
_reflns.pdbx_d_res_opt_method            ? 
_reflns.phase_calculation_details        ? 
_reflns.pdbx_Rrim_I_all                  0.244 
_reflns.pdbx_Rpim_I_all                  ? 
_reflns.pdbx_d_opt                       ? 
_reflns.pdbx_number_measured_all         5843 
_reflns.pdbx_diffrn_id                   1 
_reflns.pdbx_ordinal                     1 
_reflns.pdbx_CC_half                     0.980 
_reflns.pdbx_R_split                     ? 
_reflns.pdbx_CC_star                     ? 
# 
loop_
_reflns_shell.d_res_high 
_reflns_shell.d_res_low 
_reflns_shell.meanI_over_sigI_all 
_reflns_shell.meanI_over_sigI_obs 
_reflns_shell.number_measured_all 
_reflns_shell.number_measured_obs 
_reflns_shell.number_possible 
_reflns_shell.number_unique_all 
_reflns_shell.number_unique_obs 
_reflns_shell.percent_possible_all 
_reflns_shell.percent_possible_obs 
_reflns_shell.Rmerge_F_all 
_reflns_shell.Rmerge_F_obs 
_reflns_shell.Rmerge_I_all 
_reflns_shell.Rmerge_I_obs 
_reflns_shell.meanI_over_sigI_gt 
_reflns_shell.meanI_over_uI_all 
_reflns_shell.meanI_over_uI_gt 
_reflns_shell.number_measured_gt 
_reflns_shell.number_unique_gt 
_reflns_shell.percent_possible_gt 
_reflns_shell.Rmerge_F_gt 
_reflns_shell.Rmerge_I_gt 
_reflns_shell.pdbx_redundancy 
_reflns_shell.pdbx_Rsym_value 
_reflns_shell.pdbx_chi_squared 
_reflns_shell.pdbx_netI_over_sigmaI_all 
_reflns_shell.pdbx_netI_over_sigmaI_obs 
_reflns_shell.pdbx_Rrim_I_all 
_reflns_shell.pdbx_Rpim_I_all 
_reflns_shell.pdbx_rejects 
_reflns_shell.pdbx_ordinal 
_reflns_shell.pdbx_diffrn_id 
_reflns_shell.pdbx_CC_half 
_reflns_shell.pdbx_R_split 
_reflns_shell.pdbx_CC_star 
1.420 1.490  ? 1.090  ? 216 177 ? 84  47.500  ? ? ? ? 0.496 ? ? ? ? ? ? ? ? 2.571 ? ? ? ? 0.611 ? ? 1  1 0.452 ? ? 
1.490 1.570  ? 3.100  ? 562 181 ? 136 75.100  ? ? ? ? 0.315 ? ? ? ? ? ? ? ? 4.132 ? ? ? ? 0.354 ? ? 2  1 0.899 ? ? 
1.570 1.670  ? 2.240  ? 380 130 ? 106 81.500  ? ? ? ? 0.388 ? ? ? ? ? ? ? ? 3.585 ? ? ? ? 0.443 ? ? 3  1 0.855 ? ? 
1.670 1.780  ? 2.660  ? 507 133 ? 115 86.500  ? ? ? ? 0.421 ? ? ? ? ? ? ? ? 4.409 ? ? ? ? 0.479 ? ? 4  1 0.654 ? ? 
1.780 1.920  ? 3.740  ? 698 131 ? 127 96.900  ? ? ? ? 0.343 ? ? ? ? ? ? ? ? 5.496 ? ? ? ? 0.376 ? ? 5  1 0.977 ? ? 
1.920 2.110  ? 5.830  ? 899 134 ? 133 99.300  ? ? ? ? 0.264 ? ? ? ? ? ? ? ? 6.759 ? ? ? ? 0.285 ? ? 6  1 0.977 ? ? 
2.110 2.360  ? 6.640  ? 949 131 ? 129 98.500  ? ? ? ? 0.273 ? ? ? ? ? ? ? ? 7.357 ? ? ? ? 0.296 ? ? 7  1 0.942 ? ? 
2.360 2.720  ? 6.200  ? 474 86  ? 86  100.000 ? ? ? ? 0.209 ? ? ? ? ? ? ? ? 5.512 ? ? ? ? 0.231 ? ? 8  1 0.990 ? ? 
2.720 3.330  ? 7.020  ? 469 86  ? 86  100.000 ? ? ? ? 0.214 ? ? ? ? ? ? ? ? 5.453 ? ? ? ? 0.238 ? ? 9  1 0.922 ? ? 
3.330 4.720  ? 10.090 ? 544 89  ? 88  98.900  ? ? ? ? 0.171 ? ? ? ? ? ? ? ? 6.182 ? ? ? ? 0.184 ? ? 10 1 0.976 ? ? 
4.720 32.960 ? 8.340  ? 145 42  ? 39  92.900  ? ? ? ? 0.138 ? ? ? ? ? ? ? ? 3.718 ? ? ? ? 0.161 ? ? 11 1 0.989 ? ? 
# 
_refine.aniso_B[1][1]                            1.0400 
_refine.aniso_B[1][2]                            -0.0000 
_refine.aniso_B[1][3]                            0.8300 
_refine.aniso_B[2][2]                            -1.3000 
_refine.aniso_B[2][3]                            0.0000 
_refine.aniso_B[3][3]                            -0.0400 
_refine.B_iso_max                                42.180 
_refine.B_iso_mean                               13.1660 
_refine.B_iso_min                                4.420 
_refine.correlation_coeff_Fo_to_Fc               0.9330 
_refine.correlation_coeff_Fo_to_Fc_free          0.8810 
_refine.details                                  
'HYDROGENS HAVE BEEN ADDED IN THE RIDING POSITIONS U VALUES      : REFINED INDIVIDUALLY' 
_refine.diff_density_max                         ? 
_refine.diff_density_max_esd                     ? 
_refine.diff_density_min                         ? 
_refine.diff_density_min_esd                     ? 
_refine.diff_density_rms                         ? 
_refine.diff_density_rms_esd                     ? 
_refine.entry_id                                 5VOS 
_refine.pdbx_refine_id                           'ELECTRON CRYSTALLOGRAPHY' 
_refine.ls_abs_structure_details                 ? 
_refine.ls_abs_structure_Flack                   ? 
_refine.ls_abs_structure_Flack_esd               ? 
_refine.ls_abs_structure_Rogers                  ? 
_refine.ls_abs_structure_Rogers_esd              ? 
_refine.ls_d_res_high                            1.4200 
_refine.ls_d_res_low                             32.9600 
_refine.ls_extinction_coef                       ? 
_refine.ls_extinction_coef_esd                   ? 
_refine.ls_extinction_expression                 ? 
_refine.ls_extinction_method                     ? 
_refine.ls_goodness_of_fit_all                   ? 
_refine.ls_goodness_of_fit_all_esd               ? 
_refine.ls_goodness_of_fit_obs                   ? 
_refine.ls_goodness_of_fit_obs_esd               ? 
_refine.ls_hydrogen_treatment                    ? 
_refine.ls_matrix_type                           ? 
_refine.ls_number_constraints                    ? 
_refine.ls_number_parameters                     ? 
_refine.ls_number_reflns_all                     ? 
_refine.ls_number_reflns_obs                     1014 
_refine.ls_number_reflns_R_free                  113 
_refine.ls_number_reflns_R_work                  ? 
_refine.ls_number_restraints                     ? 
_refine.ls_percent_reflns_obs                    85.5100 
_refine.ls_percent_reflns_R_free                 10.0000 
_refine.ls_R_factor_all                          ? 
_refine.ls_R_factor_obs                          0.2389 
_refine.ls_R_factor_R_free                       0.2924 
_refine.ls_R_factor_R_free_error                 ? 
_refine.ls_R_factor_R_free_error_details         ? 
_refine.ls_R_factor_R_work                       0.2335 
_refine.ls_R_Fsqd_factor_obs                     ? 
_refine.ls_R_I_factor_obs                        ? 
_refine.ls_redundancy_reflns_all                 ? 
_refine.ls_redundancy_reflns_obs                 ? 
_refine.ls_restrained_S_all                      ? 
_refine.ls_restrained_S_obs                      ? 
_refine.ls_shift_over_esd_max                    ? 
_refine.ls_shift_over_esd_mean                   ? 
_refine.ls_structure_factor_coef                 ? 
_refine.ls_weighting_details                     ? 
_refine.ls_weighting_scheme                      ? 
_refine.ls_wR_factor_all                         ? 
_refine.ls_wR_factor_obs                         ? 
_refine.ls_wR_factor_R_free                      ? 
_refine.ls_wR_factor_R_work                      ? 
_refine.occupancy_max                            ? 
_refine.occupancy_min                            ? 
_refine.solvent_model_details                    ? 
_refine.solvent_model_param_bsol                 ? 
_refine.solvent_model_param_ksol                 ? 
_refine.ls_R_factor_gt                           ? 
_refine.ls_goodness_of_fit_gt                    ? 
_refine.ls_goodness_of_fit_ref                   ? 
_refine.ls_shift_over_su_max                     ? 
_refine.ls_shift_over_su_max_lt                  ? 
_refine.ls_shift_over_su_mean                    ? 
_refine.ls_shift_over_su_mean_lt                 ? 
_refine.pdbx_ls_sigma_I                          ? 
_refine.pdbx_ls_sigma_F                          0.000 
_refine.pdbx_ls_sigma_Fsqd                       ? 
_refine.pdbx_data_cutoff_high_absF               ? 
_refine.pdbx_data_cutoff_high_rms_absF           ? 
_refine.pdbx_data_cutoff_low_absF                ? 
_refine.pdbx_isotropic_thermal_model             ? 
_refine.pdbx_ls_cross_valid_method               THROUGHOUT 
_refine.pdbx_method_to_determine_struct          'MOLECULAR REPLACEMENT' 
_refine.pdbx_starting_model                      ? 
_refine.pdbx_stereochemistry_target_values       ? 
_refine.pdbx_R_Free_selection_details            RANDOM 
_refine.pdbx_stereochem_target_val_spec_case     ? 
_refine.pdbx_overall_ESU_R                       0.1150 
_refine.pdbx_overall_ESU_R_Free                  0.1220 
_refine.pdbx_solvent_vdw_probe_radii             1.2000 
_refine.pdbx_solvent_ion_probe_radii             0.8000 
_refine.pdbx_solvent_shrinkage_radii             0.8000 
_refine.pdbx_real_space_R                        ? 
_refine.pdbx_density_correlation                 ? 
_refine.pdbx_pd_number_of_powder_patterns        ? 
_refine.pdbx_pd_number_of_points                 ? 
_refine.pdbx_pd_meas_number_of_points            ? 
_refine.pdbx_pd_proc_ls_prof_R_factor            ? 
_refine.pdbx_pd_proc_ls_prof_wR_factor           ? 
_refine.pdbx_pd_Marquardt_correlation_coeff      ? 
_refine.pdbx_pd_Fsqrd_R_factor                   ? 
_refine.pdbx_pd_ls_matrix_band_width             ? 
_refine.pdbx_overall_phase_error                 ? 
_refine.pdbx_overall_SU_R_free_Cruickshank_DPI   ? 
_refine.pdbx_overall_SU_R_free_Blow_DPI          ? 
_refine.pdbx_overall_SU_R_Blow_DPI               ? 
_refine.pdbx_TLS_residual_ADP_flag               ? 
_refine.pdbx_diffrn_id                           1 
_refine.overall_SU_B                             2.8710 
_refine.overall_SU_ML                            0.1000 
_refine.overall_SU_R_Cruickshank_DPI             0.1152 
_refine.overall_SU_R_free                        ? 
_refine.overall_FOM_free_R_set                   ? 
_refine.overall_FOM_work_R_set                   ? 
_refine.pdbx_average_fsc_overall                 ? 
_refine.pdbx_average_fsc_work                    ? 
_refine.pdbx_average_fsc_free                    ? 
# 
_refine_hist.cycle_id                         final 
_refine_hist.pdbx_refine_id                   'X-RAY DIFFRACTION' 
_refine_hist.d_res_high                       1.4200 
_refine_hist.d_res_low                        32.9600 
_refine_hist.pdbx_number_atoms_ligand         0 
_refine_hist.number_atoms_solvent             1 
_refine_hist.number_atoms_total               73 
_refine_hist.pdbx_number_residues_total       11 
_refine_hist.pdbx_B_iso_mean_solvent          15.91 
_refine_hist.pdbx_number_atoms_protein        72 
_refine_hist.pdbx_number_atoms_nucleic_acid   0 
# 
loop_
_refine_ls_restr.pdbx_refine_id 
_refine_ls_restr.criterion 
_refine_ls_restr.dev_ideal 
_refine_ls_restr.dev_ideal_target 
_refine_ls_restr.number 
_refine_ls_restr.rejects 
_refine_ls_restr.type 
_refine_ls_restr.weight 
_refine_ls_restr.pdbx_restraint_function 
'ELECTRON CRYSTALLOGRAPHY' ? 0.016  0.019  71  ? r_bond_refined_d       ? ? 
'ELECTRON CRYSTALLOGRAPHY' ? 0.003  0.020  81  ? r_bond_other_d         ? ? 
'ELECTRON CRYSTALLOGRAPHY' ? 1.838  2.040  94  ? r_angle_refined_deg    ? ? 
'ELECTRON CRYSTALLOGRAPHY' ? 0.659  3.000  185 ? r_angle_other_deg      ? ? 
'ELECTRON CRYSTALLOGRAPHY' ? 8.714  5.000  10  ? r_dihedral_angle_1_deg ? ? 
'ELECTRON CRYSTALLOGRAPHY' ? 52.256 30.000 1   ? r_dihedral_angle_2_deg ? ? 
'ELECTRON CRYSTALLOGRAPHY' ? 15.734 15.000 13  ? r_dihedral_angle_3_deg ? ? 
'ELECTRON CRYSTALLOGRAPHY' ? 0.076  0.200  12  ? r_chiral_restr         ? ? 
'ELECTRON CRYSTALLOGRAPHY' ? 0.005  0.020  80  ? r_gen_planes_refined   ? ? 
'ELECTRON CRYSTALLOGRAPHY' ? 0.000  0.020  12  ? r_gen_planes_other     ? ? 
# 
_refine_ls_shell.pdbx_refine_id                   'ELECTRON CRYSTALLOGRAPHY' 
_refine_ls_shell.d_res_high                       1.4220 
_refine_ls_shell.d_res_low                        1.4590 
_refine_ls_shell.number_reflns_all                42 
_refine_ls_shell.number_reflns_obs                ? 
_refine_ls_shell.number_reflns_R_free             4 
_refine_ls_shell.number_reflns_R_work             38 
_refine_ls_shell.percent_reflns_obs               42.0000 
_refine_ls_shell.percent_reflns_R_free            ? 
_refine_ls_shell.R_factor_all                     ? 
_refine_ls_shell.R_factor_obs                     ? 
_refine_ls_shell.R_factor_R_free                  0.4340 
_refine_ls_shell.R_factor_R_free_error            0.0000 
_refine_ls_shell.R_factor_R_work                  0.3670 
_refine_ls_shell.redundancy_reflns_all            ? 
_refine_ls_shell.redundancy_reflns_obs            ? 
_refine_ls_shell.wR_factor_all                    ? 
_refine_ls_shell.wR_factor_obs                    ? 
_refine_ls_shell.wR_factor_R_free                 ? 
_refine_ls_shell.wR_factor_R_work                 ? 
_refine_ls_shell.pdbx_total_number_of_bins_used   20 
_refine_ls_shell.pdbx_phase_error                 ? 
_refine_ls_shell.pdbx_fsc_work                    ? 
_refine_ls_shell.pdbx_fsc_free                    ? 
# 
_struct.entry_id                     5VOS 
_struct.title                        'VGSNKGAIIGL from Amyloid Beta determined by MicroED' 
_struct.pdbx_model_details           ? 
_struct.pdbx_formula_weight          ? 
_struct.pdbx_formula_weight_method   ? 
_struct.pdbx_model_type_details      ? 
_struct.pdbx_CASP_flag               N 
# 
_struct_keywords.entry_id        5VOS 
_struct_keywords.text            'Amyloid, steric zipper, PROTEIN FIBRIL' 
_struct_keywords.pdbx_keywords   'PROTEIN FIBRIL' 
# 
loop_
_struct_asym.id 
_struct_asym.pdbx_blank_PDB_chainid_flag 
_struct_asym.pdbx_modified 
_struct_asym.entity_id 
_struct_asym.details 
A N N 1 ? 
B N N 2 ? 
# 
_struct_ref.id                         1 
_struct_ref.db_name                    UNP 
_struct_ref.db_code                    L7XCZ9_HUMAN 
_struct_ref.pdbx_db_accession          L7XCZ9 
_struct_ref.pdbx_db_isoform            ? 
_struct_ref.entity_id                  1 
_struct_ref.pdbx_seq_one_letter_code   VGSNKGAIIGL 
_struct_ref.pdbx_align_begin           7 
# 
_struct_ref_seq.align_id                      1 
_struct_ref_seq.ref_id                        1 
_struct_ref_seq.pdbx_PDB_id_code              5VOS 
_struct_ref_seq.pdbx_strand_id                A 
_struct_ref_seq.seq_align_beg                 1 
_struct_ref_seq.pdbx_seq_align_beg_ins_code   ? 
_struct_ref_seq.seq_align_end                 11 
_struct_ref_seq.pdbx_seq_align_end_ins_code   ? 
_struct_ref_seq.pdbx_db_accession             L7XCZ9 
_struct_ref_seq.db_align_beg                  7 
_struct_ref_seq.pdbx_db_align_beg_ins_code    ? 
_struct_ref_seq.db_align_end                  17 
_struct_ref_seq.pdbx_db_align_end_ins_code    ? 
_struct_ref_seq.pdbx_auth_seq_align_beg       24 
_struct_ref_seq.pdbx_auth_seq_align_end       34 
# 
_pdbx_struct_assembly.id                   1 
_pdbx_struct_assembly.details              author_defined_assembly 
_pdbx_struct_assembly.method_details       ? 
_pdbx_struct_assembly.oligomeric_details   decameric 
_pdbx_struct_assembly.oligomeric_count     10 
# 
loop_
_pdbx_struct_assembly_gen.assembly_id 
_pdbx_struct_assembly_gen.oper_expression 
_pdbx_struct_assembly_gen.asym_id_list 
1 1  A,B 
1 2  A,B 
1 3  A,B 
1 4  A,B 
1 5  A,B 
1 6  A,B 
1 7  A,B 
1 8  A,B 
1 9  A,B 
1 10 A,B 
# 
_pdbx_struct_assembly_auth_evidence.id                     1 
_pdbx_struct_assembly_auth_evidence.assembly_id            1 
_pdbx_struct_assembly_auth_evidence.experimental_support   none 
_pdbx_struct_assembly_auth_evidence.details                ? 
# 
loop_
_pdbx_struct_oper_list.id 
_pdbx_struct_oper_list.type 
_pdbx_struct_oper_list.name 
_pdbx_struct_oper_list.symmetry_operation 
_pdbx_struct_oper_list.matrix[1][1] 
_pdbx_struct_oper_list.matrix[1][2] 
_pdbx_struct_oper_list.matrix[1][3] 
_pdbx_struct_oper_list.vector[1] 
_pdbx_struct_oper_list.matrix[2][1] 
_pdbx_struct_oper_list.matrix[2][2] 
_pdbx_struct_oper_list.matrix[2][3] 
_pdbx_struct_oper_list.vector[2] 
_pdbx_struct_oper_list.matrix[3][1] 
_pdbx_struct_oper_list.matrix[3][2] 
_pdbx_struct_oper_list.matrix[3][3] 
_pdbx_struct_oper_list.vector[3] 
1  'identity operation'         1_555 x,y,z           1.0000000000  0.0000000000  0.0000000000  0.0000000000  0.0000000000  1.0000000000  0.0000000000 0.0000000000  0.0000000000  0.0000000000 1.0000000000 0.0000000000  
2  'crystal symmetry operation' 1_565 x,y+1,z         1.0000000000  0.0000000000  0.0000000000  -0.4847398419 0.0000000000  1.0000000000  0.0000000000 1.7496986993  0.0000000000  0.0000000000 1.0000000000 4.3676631907  
3  'crystal symmetry operation' 1_575 x,y+2,z         1.0000000000  0.0000000000  0.0000000000  -0.9694796838 0.0000000000  1.0000000000  0.0000000000 3.4993973987  0.0000000000  0.0000000000 1.0000000000 8.7353263814  
4  'crystal symmetry operation' 1_545 x,y-1,z         1.0000000000  0.0000000000  0.0000000000  0.4847398419  0.0000000000  1.0000000000  0.0000000000 -1.7496986993 0.0000000000  0.0000000000 1.0000000000 -4.3676631907 
5  'crystal symmetry operation' 1_535 x,y-2,z         1.0000000000  0.0000000000  0.0000000000  0.9694796838  0.0000000000  1.0000000000  0.0000000000 -3.4993973987 0.0000000000  0.0000000000 1.0000000000 -8.7353263814 
6  'crystal symmetry operation' 2_658 -x+1,y+1/2,-z+3 -0.9789948809 -0.0758192877 -0.1892629355 -6.3033113825 -0.0758192877 -0.7263255511 0.6831563726 6.0022411365  -0.1892629355 0.6831563726 0.7053204321 -0.5428829031 
7  'crystal symmetry operation' 2_668 -x+1,y+3/2,-z+3 -0.9789948809 -0.0758192877 -0.1892629355 -6.7880512244 -0.0758192877 -0.7263255511 0.6831563726 7.7519398358  -0.1892629355 0.6831563726 0.7053204321 3.8247802876  
8  'crystal symmetry operation' 2_678 -x+1,y+5/2,-z+3 -0.9789948809 -0.0758192877 -0.1892629355 -7.2727910663 -0.0758192877 -0.7263255511 0.6831563726 9.5016385351  -0.1892629355 0.6831563726 0.7053204321 8.1924434783  
9  'crystal symmetry operation' 2_648 -x+1,y-1/2,-z+3 -0.9789948809 -0.0758192877 -0.1892629355 -5.8185715406 -0.0758192877 -0.7263255511 0.6831563726 4.2525424372  -0.1892629355 0.6831563726 0.7053204321 -4.9105460937 
10 'crystal symmetry operation' 2_638 -x+1,y-3/2,-z+3 -0.9789948809 -0.0758192877 -0.1892629355 -5.3338316987 -0.0758192877 -0.7263255511 0.6831563726 2.5028437378  -0.1892629355 0.6831563726 0.7053204321 -9.2782092844 
# 
_phasing.method   MR 
# 
_em_3d_fitting.entry_id          5VOS 
_em_3d_fitting.id                1 
_em_3d_fitting.details           ? 
_em_3d_fitting.overall_b_value   ? 
_em_3d_fitting.ref_protocol      OTHER 
_em_3d_fitting.ref_space         RECIPROCAL 
_em_3d_fitting.target_criteria   'Maximum likelihood' 
_em_3d_fitting.method            ? 
# 
_em_3d_reconstruction.entry_id                    5VOS 
_em_3d_reconstruction.id                          1 
_em_3d_reconstruction.algorithm                   ? 
_em_3d_reconstruction.details                     ? 
_em_3d_reconstruction.refinement_type             ? 
_em_3d_reconstruction.image_processing_id         1 
_em_3d_reconstruction.num_class_averages          ? 
_em_3d_reconstruction.num_particles               ? 
_em_3d_reconstruction.resolution                  ? 
_em_3d_reconstruction.resolution_method           'DIFFRACTION PATTERN/LAYERLINES' 
_em_3d_reconstruction.symmetry_type               '3D CRYSTAL' 
_em_3d_reconstruction.method                      ? 
_em_3d_reconstruction.nominal_pixel_size          ? 
_em_3d_reconstruction.actual_pixel_size           ? 
_em_3d_reconstruction.magnification_calibration   ? 
_em_3d_reconstruction.citation_id                 ? 
_em_3d_reconstruction.euler_angles_details        ? 
# 
_em_buffer.id            1 
_em_buffer.details       ? 
_em_buffer.pH            4.0 
_em_buffer.specimen_id   1 
_em_buffer.name          ? 
# 
_em_entity_assembly.id                   1 
_em_entity_assembly.parent_id            0 
_em_entity_assembly.details              ? 
_em_entity_assembly.name                 'Fibrils of Amyloid Beta segment 24-34' 
_em_entity_assembly.source               NATURAL 
_em_entity_assembly.type                 COMPLEX 
_em_entity_assembly.entity_id_list       1 
_em_entity_assembly.synonym              ? 
_em_entity_assembly.oligomeric_details   ? 
# 
_em_image_scans.entry_id                5VOS 
_em_image_scans.id                      1 
_em_image_scans.dimension_height        2048 
_em_image_scans.dimension_width         2048 
_em_image_scans.frames_per_image        ? 
_em_image_scans.image_recording_id      1 
_em_image_scans.sampling_size           ? 
_em_image_scans.scanner_model           ? 
_em_image_scans.used_frames_per_image   ? 
_em_image_scans.citation_id             ? 
_em_image_scans.number_digital_images   ? 
_em_image_scans.od_range                ? 
_em_image_scans.quant_bit_size          ? 
_em_image_scans.details                 ? 
# 
_em_imaging.id                              1 
_em_imaging.entry_id                        5VOS 
_em_imaging.accelerating_voltage            200 
_em_imaging.alignment_procedure             ? 
_em_imaging.c2_aperture_diameter            ? 
_em_imaging.calibrated_defocus_max          ? 
_em_imaging.calibrated_defocus_min          ? 
_em_imaging.calibrated_magnification        ? 
_em_imaging.cryogen                         NITROGEN 
_em_imaging.details                         ? 
_em_imaging.electron_source                 'FIELD EMISSION GUN' 
_em_imaging.illumination_mode               'FLOOD BEAM' 
_em_imaging.microscope_model                'FEI TECNAI F20' 
_em_imaging.mode                            DIFFRACTION 
_em_imaging.nominal_cs                      ? 
_em_imaging.nominal_defocus_max             ? 
_em_imaging.nominal_defocus_min             ? 
_em_imaging.nominal_magnification           ? 
_em_imaging.recording_temperature_maximum   ? 
_em_imaging.recording_temperature_minimum   ? 
_em_imaging.residual_tilt                   ? 
_em_imaging.specimen_holder_model           'GATAN 626 SINGLE TILT LIQUID NITROGEN CRYO TRANSFER HOLDER' 
_em_imaging.specimen_id                     1 
_em_imaging.citation_id                     ? 
_em_imaging.date                            ? 
_em_imaging.temperature                     ? 
_em_imaging.tilt_angle_min                  ? 
_em_imaging.tilt_angle_max                  ? 
_em_imaging.astigmatism                     ? 
_em_imaging.detector_distance               ? 
_em_imaging.electron_beam_tilt_params       ? 
_em_imaging.specimen_holder_type            ? 
# 
_em_sample_support.id               1 
_em_sample_support.specimen_id      1 
_em_sample_support.details          ? 
_em_sample_support.grid_material    ? 
_em_sample_support.grid_mesh_size   ? 
_em_sample_support.grid_type        Quantifoil 
_em_sample_support.method           ? 
_em_sample_support.film_material    ? 
_em_sample_support.citation_id      ? 
# 
_em_vitrification.id                    1 
_em_vitrification.specimen_id           1 
_em_vitrification.chamber_temperature   ? 
_em_vitrification.cryogen_name          ETHANE 
_em_vitrification.details               ? 
_em_vitrification.humidity              ? 
_em_vitrification.instrument            'FEI VITROBOT MARK IV' 
_em_vitrification.entry_id              5VOS 
_em_vitrification.citation_id           ? 
_em_vitrification.method                ? 
_em_vitrification.temp                  ? 
_em_vitrification.time_resolved_state   ? 
# 
_em_experiment.entry_id                5VOS 
_em_experiment.id                      1 
_em_experiment.aggregation_state       '3D ARRAY' 
_em_experiment.reconstruction_method   CRYSTALLOGRAPHY 
_em_experiment.entity_assembly_id      1 
# 
loop_
_chem_comp_atom.comp_id 
_chem_comp_atom.atom_id 
_chem_comp_atom.type_symbol 
_chem_comp_atom.pdbx_aromatic_flag 
_chem_comp_atom.pdbx_stereo_config 
_chem_comp_atom.pdbx_ordinal 
ALA N    N N N 1   
ALA CA   C N S 2   
ALA C    C N N 3   
ALA O    O N N 4   
ALA CB   C N N 5   
ALA OXT  O N N 6   
ALA H    H N N 7   
ALA H2   H N N 8   
ALA HA   H N N 9   
ALA HB1  H N N 10  
ALA HB2  H N N 11  
ALA HB3  H N N 12  
ALA HXT  H N N 13  
ASN N    N N N 14  
ASN CA   C N S 15  
ASN C    C N N 16  
ASN O    O N N 17  
ASN CB   C N N 18  
ASN CG   C N N 19  
ASN OD1  O N N 20  
ASN ND2  N N N 21  
ASN OXT  O N N 22  
ASN H    H N N 23  
ASN H2   H N N 24  
ASN HA   H N N 25  
ASN HB2  H N N 26  
ASN HB3  H N N 27  
ASN HD21 H N N 28  
ASN HD22 H N N 29  
ASN HXT  H N N 30  
GLY N    N N N 31  
GLY CA   C N N 32  
GLY C    C N N 33  
GLY O    O N N 34  
GLY OXT  O N N 35  
GLY H    H N N 36  
GLY H2   H N N 37  
GLY HA2  H N N 38  
GLY HA3  H N N 39  
GLY HXT  H N N 40  
HOH O    O N N 41  
HOH H1   H N N 42  
HOH H2   H N N 43  
ILE N    N N N 44  
ILE CA   C N S 45  
ILE C    C N N 46  
ILE O    O N N 47  
ILE CB   C N S 48  
ILE CG1  C N N 49  
ILE CG2  C N N 50  
ILE CD1  C N N 51  
ILE OXT  O N N 52  
ILE H    H N N 53  
ILE H2   H N N 54  
ILE HA   H N N 55  
ILE HB   H N N 56  
ILE HG12 H N N 57  
ILE HG13 H N N 58  
ILE HG21 H N N 59  
ILE HG22 H N N 60  
ILE HG23 H N N 61  
ILE HD11 H N N 62  
ILE HD12 H N N 63  
ILE HD13 H N N 64  
ILE HXT  H N N 65  
LEU N    N N N 66  
LEU CA   C N S 67  
LEU C    C N N 68  
LEU O    O N N 69  
LEU CB   C N N 70  
LEU CG   C N N 71  
LEU CD1  C N N 72  
LEU CD2  C N N 73  
LEU OXT  O N N 74  
LEU H    H N N 75  
LEU H2   H N N 76  
LEU HA   H N N 77  
LEU HB2  H N N 78  
LEU HB3  H N N 79  
LEU HG   H N N 80  
LEU HD11 H N N 81  
LEU HD12 H N N 82  
LEU HD13 H N N 83  
LEU HD21 H N N 84  
LEU HD22 H N N 85  
LEU HD23 H N N 86  
LEU HXT  H N N 87  
LYS N    N N N 88  
LYS CA   C N S 89  
LYS C    C N N 90  
LYS O    O N N 91  
LYS CB   C N N 92  
LYS CG   C N N 93  
LYS CD   C N N 94  
LYS CE   C N N 95  
LYS NZ   N N N 96  
LYS OXT  O N N 97  
LYS H    H N N 98  
LYS H2   H N N 99  
LYS HA   H N N 100 
LYS HB2  H N N 101 
LYS HB3  H N N 102 
LYS HG2  H N N 103 
LYS HG3  H N N 104 
LYS HD2  H N N 105 
LYS HD3  H N N 106 
LYS HE2  H N N 107 
LYS HE3  H N N 108 
LYS HZ1  H N N 109 
LYS HZ2  H N N 110 
LYS HZ3  H N N 111 
LYS HXT  H N N 112 
SER N    N N N 113 
SER CA   C N S 114 
SER C    C N N 115 
SER O    O N N 116 
SER CB   C N N 117 
SER OG   O N N 118 
SER OXT  O N N 119 
SER H    H N N 120 
SER H2   H N N 121 
SER HA   H N N 122 
SER HB2  H N N 123 
SER HB3  H N N 124 
SER HG   H N N 125 
SER HXT  H N N 126 
VAL N    N N N 127 
VAL CA   C N S 128 
VAL C    C N N 129 
VAL O    O N N 130 
VAL CB   C N N 131 
VAL CG1  C N N 132 
VAL CG2  C N N 133 
VAL OXT  O N N 134 
VAL H    H N N 135 
VAL H2   H N N 136 
VAL HA   H N N 137 
VAL HB   H N N 138 
VAL HG11 H N N 139 
VAL HG12 H N N 140 
VAL HG13 H N N 141 
VAL HG21 H N N 142 
VAL HG22 H N N 143 
VAL HG23 H N N 144 
VAL HXT  H N N 145 
# 
loop_
_chem_comp_bond.comp_id 
_chem_comp_bond.atom_id_1 
_chem_comp_bond.atom_id_2 
_chem_comp_bond.value_order 
_chem_comp_bond.pdbx_aromatic_flag 
_chem_comp_bond.pdbx_stereo_config 
_chem_comp_bond.pdbx_ordinal 
ALA N   CA   sing N N 1   
ALA N   H    sing N N 2   
ALA N   H2   sing N N 3   
ALA CA  C    sing N N 4   
ALA CA  CB   sing N N 5   
ALA CA  HA   sing N N 6   
ALA C   O    doub N N 7   
ALA C   OXT  sing N N 8   
ALA CB  HB1  sing N N 9   
ALA CB  HB2  sing N N 10  
ALA CB  HB3  sing N N 11  
ALA OXT HXT  sing N N 12  
ASN N   CA   sing N N 13  
ASN N   H    sing N N 14  
ASN N   H2   sing N N 15  
ASN CA  C    sing N N 16  
ASN CA  CB   sing N N 17  
ASN CA  HA   sing N N 18  
ASN C   O    doub N N 19  
ASN C   OXT  sing N N 20  
ASN CB  CG   sing N N 21  
ASN CB  HB2  sing N N 22  
ASN CB  HB3  sing N N 23  
ASN CG  OD1  doub N N 24  
ASN CG  ND2  sing N N 25  
ASN ND2 HD21 sing N N 26  
ASN ND2 HD22 sing N N 27  
ASN OXT HXT  sing N N 28  
GLY N   CA   sing N N 29  
GLY N   H    sing N N 30  
GLY N   H2   sing N N 31  
GLY CA  C    sing N N 32  
GLY CA  HA2  sing N N 33  
GLY CA  HA3  sing N N 34  
GLY C   O    doub N N 35  
GLY C   OXT  sing N N 36  
GLY OXT HXT  sing N N 37  
HOH O   H1   sing N N 38  
HOH O   H2   sing N N 39  
ILE N   CA   sing N N 40  
ILE N   H    sing N N 41  
ILE N   H2   sing N N 42  
ILE CA  C    sing N N 43  
ILE CA  CB   sing N N 44  
ILE CA  HA   sing N N 45  
ILE C   O    doub N N 46  
ILE C   OXT  sing N N 47  
ILE CB  CG1  sing N N 48  
ILE CB  CG2  sing N N 49  
ILE CB  HB   sing N N 50  
ILE CG1 CD1  sing N N 51  
ILE CG1 HG12 sing N N 52  
ILE CG1 HG13 sing N N 53  
ILE CG2 HG21 sing N N 54  
ILE CG2 HG22 sing N N 55  
ILE CG2 HG23 sing N N 56  
ILE CD1 HD11 sing N N 57  
ILE CD1 HD12 sing N N 58  
ILE CD1 HD13 sing N N 59  
ILE OXT HXT  sing N N 60  
LEU N   CA   sing N N 61  
LEU N   H    sing N N 62  
LEU N   H2   sing N N 63  
LEU CA  C    sing N N 64  
LEU CA  CB   sing N N 65  
LEU CA  HA   sing N N 66  
LEU C   O    doub N N 67  
LEU C   OXT  sing N N 68  
LEU CB  CG   sing N N 69  
LEU CB  HB2  sing N N 70  
LEU CB  HB3  sing N N 71  
LEU CG  CD1  sing N N 72  
LEU CG  CD2  sing N N 73  
LEU CG  HG   sing N N 74  
LEU CD1 HD11 sing N N 75  
LEU CD1 HD12 sing N N 76  
LEU CD1 HD13 sing N N 77  
LEU CD2 HD21 sing N N 78  
LEU CD2 HD22 sing N N 79  
LEU CD2 HD23 sing N N 80  
LEU OXT HXT  sing N N 81  
LYS N   CA   sing N N 82  
LYS N   H    sing N N 83  
LYS N   H2   sing N N 84  
LYS CA  C    sing N N 85  
LYS CA  CB   sing N N 86  
LYS CA  HA   sing N N 87  
LYS C   O    doub N N 88  
LYS C   OXT  sing N N 89  
LYS CB  CG   sing N N 90  
LYS CB  HB2  sing N N 91  
LYS CB  HB3  sing N N 92  
LYS CG  CD   sing N N 93  
LYS CG  HG2  sing N N 94  
LYS CG  HG3  sing N N 95  
LYS CD  CE   sing N N 96  
LYS CD  HD2  sing N N 97  
LYS CD  HD3  sing N N 98  
LYS CE  NZ   sing N N 99  
LYS CE  HE2  sing N N 100 
LYS CE  HE3  sing N N 101 
LYS NZ  HZ1  sing N N 102 
LYS NZ  HZ2  sing N N 103 
LYS NZ  HZ3  sing N N 104 
LYS OXT HXT  sing N N 105 
SER N   CA   sing N N 106 
SER N   H    sing N N 107 
SER N   H2   sing N N 108 
SER CA  C    sing N N 109 
SER CA  CB   sing N N 110 
SER CA  HA   sing N N 111 
SER C   O    doub N N 112 
SER C   OXT  sing N N 113 
SER CB  OG   sing N N 114 
SER CB  HB2  sing N N 115 
SER CB  HB3  sing N N 116 
SER OG  HG   sing N N 117 
SER OXT HXT  sing N N 118 
VAL N   CA   sing N N 119 
VAL N   H    sing N N 120 
VAL N   H2   sing N N 121 
VAL CA  C    sing N N 122 
VAL CA  CB   sing N N 123 
VAL CA  HA   sing N N 124 
VAL C   O    doub N N 125 
VAL C   OXT  sing N N 126 
VAL CB  CG1  sing N N 127 
VAL CB  CG2  sing N N 128 
VAL CB  HB   sing N N 129 
VAL CG1 HG11 sing N N 130 
VAL CG1 HG12 sing N N 131 
VAL CG1 HG13 sing N N 132 
VAL CG2 HG21 sing N N 133 
VAL CG2 HG22 sing N N 134 
VAL CG2 HG23 sing N N 135 
VAL OXT HXT  sing N N 136 
# 
_em_3d_crystal_entity.id                    1 
_em_3d_crystal_entity.image_processing_id   1 
_em_3d_crystal_entity.angle_alpha           90 
_em_3d_crystal_entity.angle_beta            100.017 
_em_3d_crystal_entity.angle_gamma           90 
_em_3d_crystal_entity.length_a              18.78 
_em_3d_crystal_entity.length_b              4.73 
_em_3d_crystal_entity.length_c              33.47 
_em_3d_crystal_entity.space_group_name      'P 21' 
_em_3d_crystal_entity.space_group_num       4 
# 
loop_
_em_buffer_component.buffer_id 
_em_buffer_component.id 
_em_buffer_component.concentration 
_em_buffer_component.concentration_units 
_em_buffer_component.formula 
_em_buffer_component.name 
1 1 25 mM ? 'citric acid' 
1 2 5  %  ? DMSO          
# 
_em_crystal_formation.id                    1 
_em_crystal_formation.specimen_id           1 
_em_crystal_formation.atmosphere            air 
_em_crystal_formation.details               shaking 
_em_crystal_formation.instrument            'microcentrifuge tube' 
_em_crystal_formation.lipid_mixture         ? 
_em_crystal_formation.lipid_protein_ratio   ? 
_em_crystal_formation.temperature           310 
_em_crystal_formation.time                  2 
_em_crystal_formation.time_unit             DAY 
# 
_em_ctf_correction.id                       1 
_em_ctf_correction.em_image_processing_id   1 
_em_ctf_correction.type                     NONE 
_em_ctf_correction.details                  ? 
# 
_em_diffraction.id                1 
_em_diffraction.camera_length     1840 
_em_diffraction.imaging_id        1 
_em_diffraction.tilt_angle_list   ? 
# 
_em_diffraction_shell.id                        1 
_em_diffraction_shell.em_diffraction_stats_id   1 
_em_diffraction_shell.fourier_space_coverage    47.5 
_em_diffraction_shell.high_resolution           1.42 
_em_diffraction_shell.low_resolution            1.49 
_em_diffraction_shell.multiplicity              2.6 
_em_diffraction_shell.num_structure_factors     84 
_em_diffraction_shell.phase_residual            0.01 
# 
_em_diffraction_stats.id                               1 
_em_diffraction_stats.details                          ? 
_em_diffraction_stats.image_processing_id              1 
_em_diffraction_stats.fourier_space_coverage           85.5 
_em_diffraction_stats.high_resolution                  1.42 
_em_diffraction_stats.num_intensities_measured         5843 
_em_diffraction_stats.num_structure_factors            1129 
_em_diffraction_stats.overall_phase_error              0 
_em_diffraction_stats.overall_phase_residual           0.01 
_em_diffraction_stats.phase_error_rejection_criteria   0 
_em_diffraction_stats.r_merge                          0.222 
_em_diffraction_stats.r_sym                            0.222 
# 
_em_entity_assembly_molwt.entity_assembly_id   1 
_em_entity_assembly_molwt.id                   1 
_em_entity_assembly_molwt.experimental_flag    NO 
_em_entity_assembly_molwt.units                ? 
_em_entity_assembly_molwt.value                ? 
# 
_em_entity_assembly_naturalsource.cellular_location    ? 
_em_entity_assembly_naturalsource.entity_assembly_id   1 
_em_entity_assembly_naturalsource.id                   1 
_em_entity_assembly_naturalsource.ncbi_tax_id          9606 
_em_entity_assembly_naturalsource.organ                ? 
_em_entity_assembly_naturalsource.organelle            ? 
_em_entity_assembly_naturalsource.organism             'Homo sapiens' 
_em_entity_assembly_naturalsource.strain               ? 
_em_entity_assembly_naturalsource.tissue               ? 
_em_entity_assembly_naturalsource.cell                 ? 
# 
_em_image_processing.id                   1 
_em_image_processing.image_recording_id   1 
_em_image_processing.details              ? 
# 
_em_image_recording.id                            1 
_em_image_recording.imaging_id                    1 
_em_image_recording.avg_electron_dose_per_image   0.03 
_em_image_recording.average_exposure_time         ? 
_em_image_recording.details                       ? 
_em_image_recording.detector_mode                 ? 
_em_image_recording.film_or_detector_model        'TVIPS TEMCAM-F416 (4k x 4k)' 
_em_image_recording.num_diffraction_images        471 
_em_image_recording.num_grids_imaged              ? 
_em_image_recording.num_real_images               ? 
# 
loop_
_em_software.id 
_em_software.category 
_em_software.details 
_em_software.name 
_em_software.version 
_em_software.image_processing_id 
_em_software.fitting_id 
_em_software.imaging_id 
1  'IMAGE ACQUISITION'             ? 'TVIPS TemCam-F416' ?              ? ? 1 
2  MASKING                         ? ?                   ?              ? ? ? 
3  'CTF CORRECTION'                ? ?                   ?              1 ? ? 
4  'LAYERLINE INDEXING'            ? ?                   ?              ? ? ? 
5  'DIFFRACTION INDEXING'          ? ?                   ?              ? ? ? 
6  'MODEL FITTING'                 ? Coot                ?              ? 1 ? 
7  OTHER                           ? ?                   ?              ? ? ? 
8  'MOLECULAR REPLACEMENT'         ? phaser              ?              1 ? ? 
9  'LATTICE DISTORTION CORRECTION' ? ?                   ?              1 ? ? 
10 'SYMMETRY DETERMINATION'        ? ?                   ?              1 ? ? 
11 'CRYSTALLOGRAPHY MERGING'       ? XSCALE              'Jun 17, 2015' 1 ? ? 
12 RECONSTRUCTION                  ? ?                   ?              1 ? ? 
13 'MODEL REFINEMENT'              ? Refmac5             ?              ? 1 ? 
# 
_em_specimen.id                      1 
_em_specimen.experiment_id           1 
_em_specimen.concentration           7.5 
_em_specimen.details                 nanocrystals 
_em_specimen.embedding_applied       NO 
_em_specimen.shadowing_applied       NO 
_em_specimen.staining_applied        NO 
_em_specimen.vitrification_applied   YES 
# 
_pdbx_audit_support.funding_organization   'Howard Hughes Medical Institute (HHMI)' 
_pdbx_audit_support.country                'United States' 
_pdbx_audit_support.grant_number           ? 
_pdbx_audit_support.ordinal                1 
# 
_atom_sites.entry_id                    5VOS 
_atom_sites.fract_transf_matrix[1][1]   -0.05255005 
_atom_sites.fract_transf_matrix[1][2]   -0.01271819 
_atom_sites.fract_transf_matrix[1][3]   -0.00073726 
_atom_sites.fract_transf_matrix[2][1]   -0.02166633 
_atom_sites.fract_transf_matrix[2][2]   0.07820598 
_atom_sites.fract_transf_matrix[2][3]   0.19522069 
_atom_sites.fract_transf_matrix[3][1]   -0.01146701 
_atom_sites.fract_transf_matrix[3][2]   0.02561268 
_atom_sites.fract_transf_matrix[3][3]   -0.01153317 
_atom_sites.fract_transf_vector[1]      0.372188 
_atom_sites.fract_transf_vector[2]      -0.070651 
_atom_sites.fract_transf_vector[3]      1.383849 
# 
loop_
_atom_type.symbol 
C 
N 
O 
# 
loop_
_atom_site.group_PDB 
_atom_site.id 
_atom_site.type_symbol 
_atom_site.label_atom_id 
_atom_site.label_alt_id 
_atom_site.label_comp_id 
_atom_site.label_asym_id 
_atom_site.label_entity_id 
_atom_site.label_seq_id 
_atom_site.pdbx_PDB_ins_code 
_atom_site.Cartn_x 
_atom_site.Cartn_y 
_atom_site.Cartn_z 
_atom_site.occupancy 
_atom_site.B_iso_or_equiv 
_atom_site.pdbx_formal_charge 
_atom_site.auth_seq_id 
_atom_site.auth_comp_id 
_atom_site.auth_asym_id 
_atom_site.auth_atom_id 
_atom_site.pdbx_PDB_model_num 
ATOM   1  N N   . VAL A 1 1  ? -6.330 -11.894 3.980  1.00 18.03 ? 24  VAL A N   1 
ATOM   2  C CA  . VAL A 1 1  ? -5.051 -11.843 3.234  1.00 17.53 ? 24  VAL A CA  1 
ATOM   3  C C   . VAL A 1 1  ? -3.875 -11.991 4.203  1.00 13.69 ? 24  VAL A C   1 
ATOM   4  O O   . VAL A 1 1  ? -4.012 -11.714 5.371  1.00 13.25 ? 24  VAL A O   1 
ATOM   5  C CB  . VAL A 1 1  ? -5.001 -10.544 2.408  1.00 18.06 ? 24  VAL A CB  1 
ATOM   6  C CG1 . VAL A 1 1  ? -5.280 -9.383  3.290  1.00 20.35 ? 24  VAL A CG1 1 
ATOM   7  C CG2 . VAL A 1 1  ? -3.658 -10.299 1.757  1.00 20.65 ? 24  VAL A CG2 1 
ATOM   8  N N   . GLY A 1 2  ? -2.746 -12.514 3.730  1.00 10.67 ? 25  GLY A N   1 
ATOM   9  C CA  . GLY A 1 2  ? -1.562 -12.660 4.578  1.00 8.87  ? 25  GLY A CA  1 
ATOM   10 C C   . GLY A 1 2  ? -0.937 -11.331 4.880  1.00 7.23  ? 25  GLY A C   1 
ATOM   11 O O   . GLY A 1 2  ? -0.793 -10.939 6.039  1.00 7.12  ? 25  GLY A O   1 
ATOM   12 N N   . SER A 1 3  ? -0.570 -10.637 3.818  1.00 6.65  ? 26  SER A N   1 
ATOM   13 C CA  . SER A 1 3  ? 0.079  -9.339  3.916  1.00 6.64  ? 26  SER A CA  1 
ATOM   14 C C   . SER A 1 3  ? -0.563 -8.418  2.908  1.00 5.64  ? 26  SER A C   1 
ATOM   15 O O   . SER A 1 3  ? -0.694 -8.784  1.764  1.00 6.33  ? 26  SER A O   1 
ATOM   16 C CB  . SER A 1 3  ? 1.586  -9.480  3.635  1.00 7.02  ? 26  SER A CB  1 
ATOM   17 O OG  . SER A 1 3  ? 2.220  -8.249  3.315  1.00 9.40  ? 26  SER A OG  1 
ATOM   18 N N   . ASN A 1 4  ? -1.011 -7.246  3.341  1.00 5.63  ? 27  ASN A N   1 
ATOM   19 C CA  . ASN A 1 4  ? -1.439 -6.246  2.390  1.00 5.53  ? 27  ASN A CA  1 
ATOM   20 C C   . ASN A 1 4  ? -0.579 -5.036  2.625  1.00 5.96  ? 27  ASN A C   1 
ATOM   21 O O   . ASN A 1 4  ? -0.525 -4.566  3.741  1.00 5.61  ? 27  ASN A O   1 
ATOM   22 C CB  . ASN A 1 4  ? -2.928 -5.887  2.576  1.00 5.80  ? 27  ASN A CB  1 
ATOM   23 C CG  . ASN A 1 4  ? -3.468 -5.021  1.461  1.00 5.69  ? 27  ASN A CG  1 
ATOM   24 O OD1 . ASN A 1 4  ? -3.322 -5.333  0.318  1.00 7.13  ? 27  ASN A OD1 1 
ATOM   25 N ND2 . ASN A 1 4  ? -4.080 -3.916  1.803  1.00 5.70  ? 27  ASN A ND2 1 
ATOM   26 N N   . LYS A 1 5  ? 0.118  -4.561  1.593  1.00 6.74  ? 28  LYS A N   1 
ATOM   27 C CA  . LYS A 1 5  ? 1.053  -3.428  1.736  1.00 7.37  ? 28  LYS A CA  1 
ATOM   28 C C   . LYS A 1 5  ? 0.753  -2.428  0.666  1.00 6.35  ? 28  LYS A C   1 
ATOM   29 O O   . LYS A 1 5  ? 0.694  -2.790  -0.491 1.00 5.98  ? 28  LYS A O   1 
ATOM   30 C CB  . LYS A 1 5  ? 2.508  -3.866  1.531  1.00 10.05 ? 28  LYS A CB  1 
ATOM   31 C CG  . LYS A 1 5  ? 3.077  -4.852  2.513  1.00 13.08 ? 28  LYS A CG  1 
ATOM   32 C CD  . LYS A 1 5  ? 4.582  -4.999  2.291  1.00 15.61 ? 28  LYS A CD  1 
ATOM   33 C CE  . LYS A 1 5  ? 5.247  -5.649  3.473  1.00 21.38 ? 28  LYS A CE  1 
ATOM   34 N NZ  . LYS A 1 5  ? 6.676  -6.012  3.175  1.00 21.78 ? 28  LYS A NZ  1 
ATOM   35 N N   . GLY A 1 6  ? 0.561  -1.173  1.035  1.00 6.55  ? 29  GLY A N   1 
ATOM   36 C CA  . GLY A 1 6  ? 0.235  -0.204  0.030  1.00 6.36  ? 29  GLY A CA  1 
ATOM   37 C C   . GLY A 1 6  ? 0.879  1.116   0.306  1.00 5.27  ? 29  GLY A C   1 
ATOM   38 O O   . GLY A 1 6  ? 0.974  1.544   1.426  1.00 5.35  ? 29  GLY A O   1 
ATOM   39 N N   . ALA A 1 7  ? 1.263  1.768   -0.764 1.00 5.46  ? 30  ALA A N   1 
ATOM   40 C CA  . ALA A 1 7  ? 1.686  3.141   -0.737 1.00 5.33  ? 30  ALA A CA  1 
ATOM   41 C C   . ALA A 1 7  ? 0.887  3.878   -1.798 1.00 4.81  ? 30  ALA A C   1 
ATOM   42 O O   . ALA A 1 7  ? 0.916  3.525   -2.964 1.00 4.77  ? 30  ALA A O   1 
ATOM   43 C CB  . ALA A 1 7  ? 3.153  3.210   -1.057 1.00 6.37  ? 30  ALA A CB  1 
ATOM   44 N N   . ILE A 1 8  ? 0.143  4.876   -1.373 1.00 5.04  ? 31  ILE A N   1 
ATOM   45 C CA  . ILE A 1 8  ? -0.670 5.681   -2.299 1.00 5.15  ? 31  ILE A CA  1 
ATOM   46 C C   . ILE A 1 8  ? -0.229 7.097   -2.091 1.00 5.10  ? 31  ILE A C   1 
ATOM   47 O O   . ILE A 1 8  ? -0.582 7.746   -1.099 1.00 4.42  ? 31  ILE A O   1 
ATOM   48 C CB  . ILE A 1 8  ? -2.172 5.572   -2.042 1.00 5.73  ? 31  ILE A CB  1 
ATOM   49 C CG1 . ILE A 1 8  ? -2.609 4.119   -2.202 1.00 6.26  ? 31  ILE A CG1 1 
ATOM   50 C CG2 . ILE A 1 8  ? -2.913 6.426   -3.034 1.00 5.92  ? 31  ILE A CG2 1 
ATOM   51 C CD1 . ILE A 1 8  ? -4.073 3.898   -1.971 1.00 6.96  ? 31  ILE A CD1 1 
ATOM   52 N N   . ILE A 1 9  ? 0.562  7.553   -3.033 1.00 5.76  ? 32  ILE A N   1 
ATOM   53 C CA  . ILE A 1 9  ? 1.383  8.691   -2.814 1.00 6.89  ? 32  ILE A CA  1 
ATOM   54 C C   . ILE A 1 9  ? 1.139  9.684   -3.949 1.00 6.63  ? 32  ILE A C   1 
ATOM   55 O O   . ILE A 1 9  ? 1.280  9.335   -5.087 1.00 6.46  ? 32  ILE A O   1 
ATOM   56 C CB  . ILE A 1 9  ? 2.886  8.301   -2.751 1.00 9.87  ? 32  ILE A CB  1 
ATOM   57 C CG1 . ILE A 1 9  ? 3.096  7.213   -1.698 1.00 10.65 ? 32  ILE A CG1 1 
ATOM   58 C CG2 . ILE A 1 9  ? 3.729  9.546   -2.507 1.00 12.70 ? 32  ILE A CG2 1 
ATOM   59 C CD1 . ILE A 1 9  ? 4.363  7.241   -0.905 1.00 16.92 ? 32  ILE A CD1 1 
ATOM   60 N N   . GLY A 1 10 ? 0.777  10.912  -3.592 1.00 9.17  ? 33  GLY A N   1 
ATOM   61 C CA  . GLY A 1 10 ? 0.662  12.011  -4.539 1.00 12.74 ? 33  GLY A CA  1 
ATOM   62 C C   . GLY A 1 10 ? 1.807  12.980  -4.351 1.00 13.72 ? 33  GLY A C   1 
ATOM   63 O O   . GLY A 1 10 ? 1.979  13.519  -3.260 1.00 13.74 ? 33  GLY A O   1 
ATOM   64 N N   . LEU A 1 11 ? 2.598  13.156  -5.409 1.00 22.20 ? 34  LEU A N   1 
ATOM   65 C CA  . LEU A 1 11 ? 3.624  14.196  -5.496 1.00 28.84 ? 34  LEU A CA  1 
ATOM   66 C C   . LEU A 1 11 ? 3.252  15.267  -6.559 1.00 27.99 ? 34  LEU A C   1 
ATOM   67 O O   . LEU A 1 11 ? 3.721  16.417  -6.529 1.00 28.91 ? 34  LEU A O   1 
ATOM   68 C CB  . LEU A 1 11 ? 5.008  13.574  -5.815 1.00 34.49 ? 34  LEU A CB  1 
ATOM   69 C CG  . LEU A 1 11 ? 5.901  13.205  -4.623 1.00 38.09 ? 34  LEU A CG  1 
ATOM   70 C CD1 . LEU A 1 11 ? 5.155  12.214  -3.762 1.00 42.18 ? 34  LEU A CD1 1 
ATOM   71 C CD2 . LEU A 1 11 ? 7.244  12.617  -5.034 1.00 40.02 ? 34  LEU A CD2 1 
ATOM   72 O OXT . LEU A 1 11 ? 2.496  15.026  -7.504 1.00 30.29 ? 34  LEU A OXT 1 
HETATM 73 O O   . HOH B 2 .  ? 2.291  -7.845  0.965  1.00 15.91 ? 101 HOH A O   1 
# 
